data_5NO6
#
_entry.id   5NO6
#
_cell.length_a   82.659
_cell.length_b   56.674
_cell.length_c   144.993
_cell.angle_alpha   90.00
_cell.angle_beta   93.81
_cell.angle_gamma   90.00
#
_symmetry.space_group_name_H-M   'I 1 2 1'
#
loop_
_entity.id
_entity.type
_entity.pdbx_description
1 polymer 'Homeobox protein Hox-B13'
2 polymer DNA
3 polymer DNA
4 polymer 'Transcriptional enhancer factor TEF-3'
5 water water
#
loop_
_entity_poly.entity_id
_entity_poly.type
_entity_poly.pdbx_seq_one_letter_code
_entity_poly.pdbx_strand_id
1 'polypeptide(L)' RKKRIPYSKGQLRELEREYAANKFITKDKRRKISAATSLSERQITIWFQNRRVKEKKVLAKV A,B
2 'polydeoxyribonucleotide' (DA)(DT)(DT)(DT)(DT)(DA)(DT)(DT)(DG)(DC)(DA)(DT)(DT)(DC)(DC)(DA)(DG)(DT) C,D
3 'polydeoxyribonucleotide' (DA)(DC)(DT)(DG)(DG)(DA)(DA)(DT)(DG)(DC)(DA)(DA)(DT)(DA)(DA)(DA)(DA)(DT) F,E
4 'polypeptide(L)' EGVWSPDIEQSFQEALAIYPPCGRRKIILSDEGKMYGRNELIARYIKLRTGKTRTRKQVSSHIQVLARRKARE I,N
#
# COMPACT_ATOMS: atom_id res chain seq x y z
N ARG A 1 -13.48 0.31 17.60
CA ARG A 1 -13.08 -0.39 16.34
C ARG A 1 -11.67 0.05 15.87
N LYS A 2 -10.61 -0.75 16.06
CA LYS A 2 -10.68 -2.16 16.53
C LYS A 2 -9.69 -2.53 17.67
N LYS A 3 -8.36 -2.63 17.48
CA LYS A 3 -7.59 -2.34 16.25
C LYS A 3 -6.90 -3.59 15.65
N ARG A 4 -6.94 -3.69 14.33
CA ARG A 4 -6.24 -4.73 13.56
C ARG A 4 -4.76 -4.90 13.97
N ILE A 5 -4.37 -6.14 14.31
CA ILE A 5 -2.97 -6.48 14.65
C ILE A 5 -2.32 -7.23 13.48
N PRO A 6 -1.22 -6.69 12.93
CA PRO A 6 -0.53 -7.38 11.82
C PRO A 6 0.44 -8.47 12.31
N TYR A 7 0.16 -9.71 11.94
CA TYR A 7 0.95 -10.84 12.42
C TYR A 7 2.37 -10.79 11.86
N SER A 8 3.37 -11.06 12.68
CA SER A 8 4.77 -11.03 12.25
C SER A 8 5.23 -12.13 11.28
N LYS A 9 6.42 -11.88 10.74
CA LYS A 9 7.13 -12.76 9.79
C LYS A 9 7.15 -14.23 10.21
N GLY A 10 7.38 -14.47 11.50
CA GLY A 10 7.31 -15.82 12.04
C GLY A 10 5.89 -16.36 11.99
N GLN A 11 4.97 -15.54 12.49
CA GLN A 11 3.56 -15.92 12.58
C GLN A 11 3.13 -16.39 11.20
N LEU A 12 3.38 -15.55 10.17
CA LEU A 12 2.97 -15.87 8.80
C LEU A 12 3.81 -16.96 8.14
N ARG A 13 5.14 -16.91 8.26
CA ARG A 13 5.98 -18.05 7.81
C ARG A 13 5.44 -19.40 8.33
N GLU A 14 4.94 -19.40 9.56
CA GLU A 14 4.28 -20.60 10.10
C GLU A 14 3.00 -20.93 9.30
N LEU A 15 2.17 -19.91 9.09
CA LEU A 15 0.83 -20.11 8.49
C LEU A 15 0.94 -20.52 7.03
N GLU A 16 1.61 -19.69 6.24
CA GLU A 16 1.83 -19.89 4.80
C GLU A 16 2.33 -21.32 4.53
N ARG A 17 3.33 -21.76 5.30
CA ARG A 17 3.88 -23.12 5.21
C ARG A 17 2.82 -24.21 5.45
N GLU A 18 1.93 -23.97 6.40
CA GLU A 18 0.88 -24.94 6.71
C GLU A 18 -0.27 -24.88 5.70
N TYR A 19 -0.52 -23.69 5.12
CA TYR A 19 -1.56 -23.52 4.10
C TYR A 19 -1.09 -24.21 2.84
N ALA A 20 0.11 -23.85 2.41
CA ALA A 20 0.81 -24.54 1.33
C ALA A 20 0.66 -26.06 1.44
N ALA A 21 0.92 -26.58 2.64
CA ALA A 21 0.81 -28.00 2.95
C ALA A 21 -0.65 -28.50 2.89
N ASN A 22 -1.58 -27.68 3.36
CA ASN A 22 -2.99 -28.01 3.21
C ASN A 22 -3.89 -26.78 3.32
N LYS A 23 -4.95 -26.81 2.52
CA LYS A 23 -5.68 -25.61 2.13
C LYS A 23 -6.66 -25.24 3.21
N PHE A 24 -7.39 -26.22 3.73
CA PHE A 24 -8.20 -25.99 4.94
C PHE A 24 -7.55 -26.68 6.16
N ILE A 25 -8.07 -26.33 7.33
CA ILE A 25 -7.52 -26.75 8.60
C ILE A 25 -8.37 -27.88 9.19
N THR A 26 -7.81 -28.57 10.16
CA THR A 26 -8.51 -29.53 10.99
C THR A 26 -8.14 -29.17 12.42
N LYS A 27 -8.93 -29.63 13.39
CA LYS A 27 -8.79 -29.14 14.78
C LYS A 27 -7.36 -29.40 15.23
N ASP A 28 -6.97 -30.67 15.09
CA ASP A 28 -5.58 -31.10 15.29
C ASP A 28 -4.56 -30.06 14.77
N LYS A 29 -4.73 -29.59 13.55
CA LYS A 29 -3.85 -28.53 13.02
C LYS A 29 -4.04 -27.17 13.72
N ARG A 30 -5.29 -26.69 13.90
CA ARG A 30 -5.50 -25.40 14.57
C ARG A 30 -4.69 -25.43 15.85
N ARG A 31 -4.90 -26.49 16.66
CA ARG A 31 -4.26 -26.59 17.99
C ARG A 31 -2.73 -26.46 17.88
N LYS A 32 -2.09 -27.45 17.23
CA LYS A 32 -0.64 -27.43 17.03
C LYS A 32 -0.21 -26.05 16.58
N ILE A 33 -0.78 -25.58 15.47
CA ILE A 33 -0.33 -24.30 14.90
C ILE A 33 -0.41 -23.19 15.97
N SER A 34 -1.59 -23.04 16.59
CA SER A 34 -1.88 -22.01 17.61
C SER A 34 -0.80 -21.86 18.68
N ALA A 35 -0.37 -23.03 19.19
CA ALA A 35 0.76 -23.15 20.11
C ALA A 35 2.03 -22.49 19.57
N ALA A 36 2.42 -22.87 18.35
CA ALA A 36 3.66 -22.37 17.74
C ALA A 36 3.55 -20.91 17.32
N THR A 37 2.35 -20.52 16.94
CA THR A 37 2.11 -19.22 16.37
C THR A 37 1.88 -18.21 17.46
N SER A 38 1.47 -18.68 18.64
CA SER A 38 1.11 -17.78 19.74
C SER A 38 -0.21 -17.01 19.52
N LEU A 39 -1.02 -17.44 18.53
CA LEU A 39 -2.34 -16.85 18.27
C LEU A 39 -3.50 -17.74 18.69
N SER A 40 -4.66 -17.10 18.83
CA SER A 40 -5.95 -17.75 19.00
C SER A 40 -6.24 -18.80 17.93
N GLU A 41 -6.99 -19.83 18.30
CA GLU A 41 -7.54 -20.75 17.31
C GLU A 41 -8.47 -19.98 16.38
N ARG A 42 -9.27 -19.09 16.95
CA ARG A 42 -10.23 -18.29 16.19
C ARG A 42 -9.49 -17.65 15.04
N GLN A 43 -8.46 -16.87 15.39
CA GLN A 43 -7.70 -16.13 14.40
C GLN A 43 -7.26 -17.04 13.26
N ILE A 44 -6.62 -18.16 13.61
CA ILE A 44 -6.19 -19.17 12.62
C ILE A 44 -7.35 -19.47 11.69
N THR A 45 -8.51 -19.81 12.26
CA THR A 45 -9.70 -20.12 11.47
C THR A 45 -10.01 -19.07 10.41
N ILE A 46 -9.82 -17.80 10.77
CA ILE A 46 -10.10 -16.67 9.91
C ILE A 46 -9.02 -16.54 8.86
N TRP A 47 -7.76 -16.55 9.31
CA TRP A 47 -6.62 -16.42 8.42
C TRP A 47 -6.68 -17.39 7.26
N PHE A 48 -7.18 -18.59 7.54
CA PHE A 48 -7.38 -19.56 6.48
C PHE A 48 -8.50 -19.14 5.53
N GLN A 49 -9.65 -18.74 6.08
CA GLN A 49 -10.77 -18.23 5.27
C GLN A 49 -10.31 -17.14 4.29
N ASN A 50 -9.67 -16.12 4.88
CA ASN A 50 -9.12 -15.01 4.11
C ASN A 50 -8.05 -15.42 3.13
N ARG A 51 -7.10 -16.24 3.59
CA ARG A 51 -6.05 -16.69 2.70
C ARG A 51 -6.65 -17.40 1.50
N ARG A 52 -7.56 -18.34 1.73
CA ARG A 52 -8.37 -18.89 0.63
C ARG A 52 -8.97 -17.80 -0.25
N VAL A 53 -9.69 -16.87 0.38
CA VAL A 53 -10.39 -15.83 -0.39
C VAL A 53 -9.44 -15.08 -1.35
N LYS A 54 -8.25 -14.73 -0.84
CA LYS A 54 -7.15 -14.17 -1.66
C LYS A 54 -6.84 -15.06 -2.86
N GLU A 55 -6.72 -16.37 -2.65
CA GLU A 55 -6.54 -17.30 -3.78
C GLU A 55 -7.70 -17.23 -4.75
N LYS A 56 -8.92 -17.34 -4.25
CA LYS A 56 -10.07 -17.28 -5.14
C LYS A 56 -10.04 -16.00 -5.98
N LYS A 57 -9.81 -14.85 -5.32
CA LYS A 57 -9.74 -13.56 -6.06
C LYS A 57 -8.82 -13.58 -7.28
N VAL A 58 -7.68 -14.25 -7.18
CA VAL A 58 -6.70 -14.35 -8.30
C VAL A 58 -7.16 -15.28 -9.46
N LEU A 59 -8.33 -15.93 -9.35
CA LEU A 59 -8.89 -16.65 -10.52
C LEU A 59 -10.07 -15.85 -11.08
N ALA A 60 -9.79 -14.67 -11.63
CA ALA A 60 -10.83 -13.71 -12.01
C ALA A 60 -10.63 -13.00 -13.39
N LYS A 61 -9.77 -11.97 -13.46
CA LYS A 61 -9.62 -11.14 -14.69
C LYS A 61 -8.71 -11.81 -15.72
N VAL A 62 -9.04 -11.65 -17.01
CA VAL A 62 -8.40 -12.37 -18.13
C VAL A 62 -7.28 -11.54 -18.78
N ARG D 1 3.60 23.21 -9.42
CA ARG D 1 3.60 21.87 -8.76
C ARG D 1 2.24 21.21 -9.04
N LYS D 2 2.19 20.46 -10.14
CA LYS D 2 0.99 19.72 -10.56
C LYS D 2 1.11 18.26 -10.16
N LYS D 3 -0.01 17.65 -9.78
CA LYS D 3 -0.08 16.21 -9.48
C LYS D 3 0.54 15.36 -10.61
N ARG D 4 1.62 14.62 -10.30
CA ARG D 4 2.23 13.68 -11.25
C ARG D 4 1.16 12.72 -11.83
N ILE D 5 1.35 12.31 -13.08
CA ILE D 5 0.47 11.31 -13.69
C ILE D 5 1.32 10.10 -14.15
N PRO D 6 0.94 8.88 -13.68
CA PRO D 6 1.73 7.69 -13.98
C PRO D 6 1.70 7.29 -15.47
N TYR D 7 2.79 6.64 -15.88
CA TYR D 7 3.00 6.27 -17.27
C TYR D 7 2.23 5.00 -17.61
N SER D 8 1.75 4.90 -18.85
CA SER D 8 1.02 3.72 -19.33
C SER D 8 1.94 2.48 -19.53
N LYS D 9 1.33 1.29 -19.41
CA LYS D 9 2.09 0.02 -19.34
C LYS D 9 3.09 -0.15 -20.49
N GLY D 10 2.66 0.25 -21.69
CA GLY D 10 3.53 0.22 -22.85
C GLY D 10 4.79 1.01 -22.59
N GLN D 11 4.59 2.26 -22.15
CA GLN D 11 5.69 3.18 -21.94
C GLN D 11 6.75 2.52 -21.05
N LEU D 12 6.39 2.23 -19.81
CA LEU D 12 7.36 1.62 -18.89
C LEU D 12 7.80 0.21 -19.28
N ARG D 13 7.00 -0.54 -20.06
CA ARG D 13 7.56 -1.77 -20.66
C ARG D 13 8.76 -1.41 -21.58
N GLU D 14 8.54 -0.49 -22.52
CA GLU D 14 9.60 -0.02 -23.45
C GLU D 14 10.83 0.54 -22.68
N LEU D 15 10.54 1.41 -21.70
CA LEU D 15 11.58 1.97 -20.84
C LEU D 15 12.37 0.85 -20.19
N GLU D 16 11.65 0.00 -19.43
CA GLU D 16 12.28 -1.10 -18.67
C GLU D 16 13.12 -1.98 -19.56
N ARG D 17 12.57 -2.37 -20.73
CA ARG D 17 13.31 -3.21 -21.67
C ARG D 17 14.53 -2.50 -22.24
N GLU D 18 14.43 -1.18 -22.44
CA GLU D 18 15.62 -0.40 -22.84
C GLU D 18 16.69 -0.35 -21.73
N TYR D 19 16.27 0.01 -20.51
CA TYR D 19 17.16 0.02 -19.34
C TYR D 19 17.82 -1.35 -19.04
N ALA D 20 17.06 -2.42 -19.27
CA ALA D 20 17.62 -3.78 -19.23
C ALA D 20 18.70 -3.92 -20.30
N ALA D 21 18.41 -3.38 -21.48
CA ALA D 21 19.38 -3.39 -22.59
C ALA D 21 20.66 -2.62 -22.23
N ASN D 22 20.53 -1.49 -21.55
CA ASN D 22 21.73 -0.81 -20.99
C ASN D 22 21.46 0.09 -19.78
N LYS D 23 22.41 0.09 -18.85
CA LYS D 23 22.32 0.78 -17.55
C LYS D 23 22.08 2.29 -17.70
N PHE D 24 22.92 2.91 -18.52
CA PHE D 24 22.75 4.30 -18.91
C PHE D 24 22.20 4.42 -20.32
N ILE D 25 21.54 5.54 -20.57
CA ILE D 25 20.98 5.89 -21.87
C ILE D 25 22.01 6.78 -22.56
N THR D 26 22.33 6.49 -23.81
CA THR D 26 23.15 7.41 -24.61
C THR D 26 22.23 8.46 -25.20
N LYS D 27 22.81 9.64 -25.42
CA LYS D 27 22.09 10.80 -26.00
C LYS D 27 21.29 10.33 -27.22
N ASP D 28 21.99 9.61 -28.10
CA ASP D 28 21.45 8.96 -29.28
C ASP D 28 20.24 8.07 -28.94
N LYS D 29 20.42 7.14 -28.00
CA LYS D 29 19.36 6.18 -27.62
C LYS D 29 18.12 6.88 -27.04
N ARG D 30 18.36 7.93 -26.25
CA ARG D 30 17.30 8.69 -25.58
C ARG D 30 16.24 9.28 -26.52
N ARG D 31 16.68 9.71 -27.70
CA ARG D 31 15.77 10.28 -28.69
C ARG D 31 14.74 9.22 -29.12
N LYS D 32 15.24 8.08 -29.62
CA LYS D 32 14.41 7.01 -30.19
C LYS D 32 13.23 6.58 -29.32
N ILE D 33 13.49 6.47 -28.02
CA ILE D 33 12.48 6.06 -27.04
C ILE D 33 11.40 7.13 -26.94
N SER D 34 11.86 8.40 -26.90
CA SER D 34 10.97 9.54 -26.77
C SER D 34 9.92 9.56 -27.87
N ALA D 35 10.30 9.14 -29.08
CA ALA D 35 9.36 9.06 -30.21
C ALA D 35 8.13 8.18 -29.93
N ALA D 36 8.36 6.90 -29.74
CA ALA D 36 7.28 5.93 -29.50
C ALA D 36 6.63 6.11 -28.14
N THR D 37 7.41 6.43 -27.10
CA THR D 37 6.84 6.67 -25.77
C THR D 37 6.05 7.96 -25.64
N SER D 38 6.43 8.98 -26.42
CA SER D 38 5.87 10.35 -26.35
C SER D 38 6.04 11.00 -24.96
N LEU D 39 7.24 10.83 -24.41
CA LEU D 39 7.63 11.41 -23.13
C LEU D 39 8.76 12.38 -23.41
N SER D 40 8.73 13.53 -22.76
CA SER D 40 9.88 14.45 -22.74
C SER D 40 11.16 13.66 -22.50
N GLU D 41 12.16 13.90 -23.34
CA GLU D 41 13.45 13.24 -23.18
C GLU D 41 13.96 13.43 -21.75
N ARG D 42 13.65 14.56 -21.11
CA ARG D 42 14.10 14.74 -19.74
C ARG D 42 13.44 13.72 -18.85
N GLN D 43 12.13 13.55 -19.00
CA GLN D 43 11.38 12.52 -18.28
C GLN D 43 12.07 11.16 -18.30
N ILE D 44 12.54 10.78 -19.48
CA ILE D 44 13.29 9.56 -19.68
C ILE D 44 14.56 9.57 -18.85
N THR D 45 15.31 10.67 -18.96
CA THR D 45 16.58 10.79 -18.26
C THR D 45 16.38 10.66 -16.77
N ILE D 46 15.36 11.34 -16.24
CA ILE D 46 14.90 11.19 -14.84
C ILE D 46 14.62 9.72 -14.57
N TRP D 47 13.66 9.18 -15.32
CA TRP D 47 13.21 7.82 -15.11
C TRP D 47 14.41 6.94 -14.90
N PHE D 48 15.32 6.97 -15.86
CA PHE D 48 16.53 6.17 -15.73
C PHE D 48 17.17 6.32 -14.34
N GLN D 49 17.56 7.53 -13.97
CA GLN D 49 18.12 7.82 -12.62
C GLN D 49 17.33 7.09 -11.52
N ASN D 50 16.00 7.15 -11.63
CA ASN D 50 15.14 6.50 -10.67
C ASN D 50 15.29 4.97 -10.72
N ARG D 51 15.24 4.40 -11.91
CA ARG D 51 15.42 2.93 -12.05
C ARG D 51 16.85 2.44 -11.69
N ARG D 52 17.86 3.31 -11.77
CA ARG D 52 19.23 2.97 -11.31
C ARG D 52 19.31 3.09 -9.78
N VAL D 53 18.66 4.13 -9.23
CA VAL D 53 18.53 4.28 -7.77
C VAL D 53 17.86 3.01 -7.20
N LYS D 54 16.66 2.73 -7.68
CA LYS D 54 15.91 1.52 -7.34
C LYS D 54 16.77 0.25 -7.29
N GLU D 55 17.43 -0.06 -8.41
CA GLU D 55 18.31 -1.23 -8.44
C GLU D 55 19.32 -1.21 -7.30
N LYS D 56 19.86 -0.03 -7.03
CA LYS D 56 20.85 0.11 -5.95
C LYS D 56 20.22 -0.16 -4.57
N LYS D 57 18.92 0.14 -4.43
CA LYS D 57 18.14 -0.25 -3.22
C LYS D 57 17.83 -1.75 -3.18
N VAL D 58 17.55 -2.34 -4.34
CA VAL D 58 17.36 -3.79 -4.44
C VAL D 58 18.70 -4.57 -4.23
N LEU D 59 19.84 -3.92 -4.48
CA LEU D 59 21.17 -4.50 -4.15
C LEU D 59 21.48 -4.62 -2.65
N ALA D 60 20.79 -3.85 -1.81
CA ALA D 60 20.91 -4.01 -0.36
C ALA D 60 20.28 -5.34 0.10
N LYS D 61 21.14 -6.30 0.45
CA LYS D 61 20.75 -7.62 0.98
C LYS D 61 21.04 -7.68 2.50
N VAL D 62 20.12 -7.12 3.28
CA VAL D 62 20.27 -6.99 4.74
C VAL D 62 19.77 -8.27 5.42
N TRP G 4 26.21 29.18 -1.59
CA TRP G 4 26.39 27.84 -0.95
C TRP G 4 26.19 27.89 0.57
N SER G 5 27.03 28.65 1.25
CA SER G 5 26.96 28.77 2.72
C SER G 5 26.64 30.23 3.02
N PRO G 6 25.66 30.51 3.90
CA PRO G 6 24.94 31.81 3.95
C PRO G 6 25.81 33.07 3.69
N ASP G 7 26.52 33.57 4.71
CA ASP G 7 27.49 34.68 4.52
C ASP G 7 28.20 34.62 3.15
N ILE G 8 28.77 33.45 2.83
CA ILE G 8 29.51 33.25 1.55
C ILE G 8 28.67 33.70 0.35
N GLU G 9 27.42 33.22 0.27
CA GLU G 9 26.45 33.63 -0.79
C GLU G 9 26.42 35.16 -1.01
N GLN G 10 26.55 35.91 0.09
CA GLN G 10 26.55 37.37 0.03
C GLN G 10 27.86 37.92 -0.56
N SER G 11 29.01 37.32 -0.22
CA SER G 11 30.31 37.73 -0.81
C SER G 11 30.49 37.26 -2.26
N PHE G 12 29.84 36.14 -2.60
CA PHE G 12 29.60 35.78 -4.00
C PHE G 12 28.77 36.87 -4.68
N GLN G 13 27.55 37.11 -4.18
CA GLN G 13 26.68 38.16 -4.71
C GLN G 13 27.44 39.49 -4.93
N GLU G 14 28.12 39.97 -3.89
CA GLU G 14 29.04 41.13 -3.99
C GLU G 14 30.01 40.97 -5.16
N ALA G 15 30.68 39.82 -5.24
CA ALA G 15 31.55 39.52 -6.40
C ALA G 15 30.78 39.64 -7.72
N LEU G 16 29.52 39.20 -7.73
CA LEU G 16 28.66 39.31 -8.91
C LEU G 16 28.45 40.79 -9.27
N ALA G 17 28.11 41.61 -8.28
CA ALA G 17 27.93 43.07 -8.50
C ALA G 17 29.22 43.79 -8.92
N ILE G 18 30.34 43.43 -8.30
CA ILE G 18 31.66 44.05 -8.55
C ILE G 18 32.24 43.62 -9.89
N TYR G 19 32.15 42.34 -10.25
CA TYR G 19 32.63 41.88 -11.55
C TYR G 19 31.48 42.04 -12.56
N PRO G 20 31.66 41.66 -13.84
CA PRO G 20 30.63 42.08 -14.82
C PRO G 20 29.18 41.80 -14.41
N PRO G 21 28.43 42.85 -13.96
CA PRO G 21 27.11 42.62 -13.34
C PRO G 21 26.04 42.12 -14.31
N CYS G 22 26.26 42.30 -15.62
CA CYS G 22 25.46 41.68 -16.67
C CYS G 22 26.27 40.65 -17.49
N GLY G 23 27.40 40.18 -16.95
CA GLY G 23 28.16 39.08 -17.56
C GLY G 23 29.34 39.52 -18.41
N ARG G 24 29.05 40.31 -19.44
CA ARG G 24 30.08 40.90 -20.33
C ARG G 24 31.26 39.93 -20.59
N ARG G 25 32.47 40.27 -20.18
CA ARG G 25 33.65 39.38 -20.18
C ARG G 25 34.14 39.07 -21.61
N LYS G 26 33.52 38.08 -22.27
CA LYS G 26 33.92 37.60 -23.61
C LYS G 26 35.35 37.00 -23.68
N ILE G 27 35.69 36.18 -22.69
CA ILE G 27 36.94 35.38 -22.65
C ILE G 27 38.26 36.08 -23.08
N ILE G 28 38.38 37.39 -22.80
CA ILE G 28 39.58 38.18 -23.20
C ILE G 28 40.77 38.03 -22.21
N LEU G 29 41.39 36.85 -22.21
CA LEU G 29 42.51 36.55 -21.30
C LEU G 29 43.90 36.62 -21.97
N SER G 30 43.97 37.03 -23.24
CA SER G 30 45.21 36.97 -24.04
C SER G 30 46.06 38.25 -24.00
N ASP G 31 46.48 38.63 -22.80
CA ASP G 31 47.49 39.68 -22.57
C ASP G 31 48.67 39.08 -21.80
N GLU G 32 48.39 38.47 -20.63
CA GLU G 32 49.42 37.84 -19.78
C GLU G 32 49.21 36.33 -19.63
N GLY G 33 50.26 35.67 -19.16
CA GLY G 33 50.31 34.20 -19.03
C GLY G 33 49.56 33.58 -17.85
N LYS G 34 49.12 34.41 -16.89
CA LYS G 34 48.35 33.95 -15.71
C LYS G 34 47.09 34.82 -15.56
N MET G 35 46.11 34.61 -16.45
CA MET G 35 44.94 35.52 -16.61
C MET G 35 43.60 34.77 -16.43
N TYR G 36 42.75 35.33 -15.56
CA TYR G 36 41.65 34.60 -14.89
C TYR G 36 40.27 34.90 -15.51
N GLY G 37 39.50 33.84 -15.79
CA GLY G 37 38.11 33.97 -16.24
C GLY G 37 37.11 34.34 -15.16
N ARG G 38 35.92 34.72 -15.60
CA ARG G 38 34.85 35.26 -14.72
C ARG G 38 34.60 34.41 -13.47
N ASN G 39 34.40 33.10 -13.68
CA ASN G 39 34.14 32.18 -12.59
C ASN G 39 35.32 32.18 -11.61
N GLU G 40 36.56 32.30 -12.12
CA GLU G 40 37.77 32.29 -11.26
C GLU G 40 37.85 33.62 -10.48
N LEU G 41 37.72 34.72 -11.21
CA LEU G 41 37.62 36.04 -10.58
C LEU G 41 36.62 36.03 -9.45
N ILE G 42 35.40 35.52 -9.70
CA ILE G 42 34.41 35.48 -8.60
C ILE G 42 34.78 34.50 -7.49
N ALA G 43 35.58 33.47 -7.80
CA ALA G 43 36.08 32.55 -6.76
C ALA G 43 37.08 33.25 -5.83
N ARG G 44 38.06 33.92 -6.46
CA ARG G 44 39.09 34.64 -5.71
C ARG G 44 38.52 35.70 -4.79
N TYR G 45 37.53 36.46 -5.27
CA TYR G 45 36.83 37.47 -4.46
C TYR G 45 36.27 36.90 -3.15
N ILE G 46 35.61 35.74 -3.23
CA ILE G 46 35.01 35.13 -2.04
C ILE G 46 36.12 34.48 -1.21
N LYS G 47 37.14 33.91 -1.87
CA LYS G 47 38.32 33.43 -1.15
C LYS G 47 38.96 34.52 -0.28
N LEU G 48 39.10 35.72 -0.83
CA LEU G 48 39.70 36.83 -0.08
C LEU G 48 38.73 37.68 0.75
N ARG G 49 37.40 37.55 0.55
CA ARG G 49 36.44 38.10 1.53
C ARG G 49 36.26 37.16 2.73
N THR G 50 36.00 35.86 2.49
CA THR G 50 35.68 34.91 3.60
C THR G 50 36.86 34.07 4.10
N GLY G 51 37.80 33.73 3.20
CA GLY G 51 38.87 32.79 3.53
C GLY G 51 38.66 31.41 2.94
N LYS G 52 37.42 31.05 2.59
CA LYS G 52 37.09 29.70 2.10
C LYS G 52 37.34 29.51 0.59
N THR G 53 37.70 28.28 0.21
CA THR G 53 38.13 27.97 -1.17
C THR G 53 37.06 28.21 -2.27
N ARG G 54 36.01 27.37 -2.35
CA ARG G 54 35.07 27.38 -3.49
C ARG G 54 35.77 27.30 -4.86
N THR G 55 35.86 26.09 -5.42
CA THR G 55 36.48 25.88 -6.73
C THR G 55 35.61 26.51 -7.80
N ARG G 56 36.21 26.92 -8.90
CA ARG G 56 35.44 27.53 -9.98
C ARG G 56 34.22 26.67 -10.42
N LYS G 57 34.42 25.36 -10.46
CA LYS G 57 33.35 24.45 -10.85
C LYS G 57 32.19 24.43 -9.83
N GLN G 58 32.44 24.81 -8.58
CA GLN G 58 31.34 25.03 -7.64
C GLN G 58 30.53 26.21 -8.13
N VAL G 59 31.23 27.27 -8.56
CA VAL G 59 30.54 28.48 -8.99
C VAL G 59 29.84 28.31 -10.34
N SER G 60 30.40 27.55 -11.29
CA SER G 60 29.62 27.17 -12.50
C SER G 60 28.20 26.67 -12.13
N SER G 61 28.22 25.62 -11.30
CA SER G 61 27.03 24.96 -10.78
C SER G 61 26.15 25.96 -10.04
N HIS G 62 26.76 26.78 -9.19
CA HIS G 62 26.00 27.78 -8.45
C HIS G 62 25.34 28.85 -9.34
N ILE G 63 25.98 29.20 -10.46
CA ILE G 63 25.38 30.14 -11.41
C ILE G 63 24.20 29.36 -11.97
N GLN G 64 24.50 28.21 -12.56
CA GLN G 64 23.43 27.34 -13.11
C GLN G 64 22.18 27.26 -12.20
N VAL G 65 22.41 27.03 -10.90
CA VAL G 65 21.33 26.94 -9.93
C VAL G 65 20.53 28.24 -9.95
N LEU G 66 21.20 29.38 -9.71
CA LEU G 66 20.48 30.65 -9.53
C LEU G 66 19.76 31.04 -10.81
N ALA G 67 20.45 30.84 -11.93
CA ALA G 67 19.85 30.97 -13.25
C ALA G 67 18.58 30.13 -13.37
N ARG G 68 18.63 28.85 -12.97
CA ARG G 68 17.40 28.03 -12.99
C ARG G 68 16.30 28.52 -12.01
N ARG G 69 16.62 28.68 -10.72
CA ARG G 69 15.68 29.22 -9.70
C ARG G 69 15.01 30.51 -10.14
N LYS G 70 15.81 31.43 -10.72
CA LYS G 70 15.27 32.66 -11.30
C LYS G 70 14.30 32.36 -12.44
N ALA G 71 14.65 31.40 -13.31
CA ALA G 71 13.86 31.11 -14.51
C ALA G 71 12.50 30.42 -14.27
N ARG G 72 11.77 30.84 -13.22
CA ARG G 72 10.34 30.56 -13.06
C ARG G 72 9.50 31.83 -13.25
N GLU G 73 8.58 31.81 -14.22
CA GLU G 73 7.67 32.92 -14.52
C GLU G 73 8.37 34.26 -14.82
N GLU H 1 -35.53 -4.40 6.32
CA GLU H 1 -35.87 -5.75 6.76
C GLU H 1 -35.00 -6.79 6.05
N GLY H 2 -34.85 -7.95 6.69
CA GLY H 2 -34.07 -9.02 6.13
C GLY H 2 -34.85 -10.32 6.00
N VAL H 3 -34.16 -11.44 6.20
CA VAL H 3 -34.78 -12.75 6.11
C VAL H 3 -35.85 -12.92 7.19
N TRP H 4 -35.46 -12.72 8.44
CA TRP H 4 -36.38 -12.85 9.56
C TRP H 4 -37.20 -11.58 9.76
N SER H 5 -38.11 -11.32 8.83
CA SER H 5 -38.96 -10.11 8.90
C SER H 5 -39.44 -9.88 10.32
N PRO H 6 -39.65 -8.61 10.72
CA PRO H 6 -40.04 -8.35 12.12
C PRO H 6 -41.36 -9.05 12.53
N ASP H 7 -42.28 -9.14 11.58
CA ASP H 7 -43.51 -9.92 11.74
C ASP H 7 -43.22 -11.40 12.06
N ILE H 8 -42.21 -12.00 11.42
CA ILE H 8 -41.84 -13.37 11.74
C ILE H 8 -41.14 -13.39 13.10
N GLU H 9 -40.18 -12.47 13.28
CA GLU H 9 -39.42 -12.35 14.52
C GLU H 9 -40.37 -12.47 15.71
N GLN H 10 -41.41 -11.64 15.76
CA GLN H 10 -42.36 -11.70 16.90
C GLN H 10 -43.03 -13.07 17.05
N SER H 11 -43.38 -13.74 15.95
CA SER H 11 -43.88 -15.13 16.02
C SER H 11 -42.83 -16.05 16.66
N PHE H 12 -41.57 -15.83 16.33
CA PHE H 12 -40.47 -16.54 16.98
C PHE H 12 -40.41 -16.18 18.51
N GLN H 13 -40.60 -14.90 18.85
CA GLN H 13 -40.59 -14.44 20.27
C GLN H 13 -41.81 -14.92 21.08
N GLU H 14 -42.91 -15.22 20.42
CA GLU H 14 -44.02 -15.94 21.05
C GLU H 14 -43.62 -17.39 21.17
N ALA H 15 -43.37 -18.05 20.03
CA ALA H 15 -42.96 -19.47 19.98
C ALA H 15 -42.01 -19.82 21.10
N LEU H 16 -40.97 -18.99 21.28
CA LEU H 16 -40.03 -19.15 22.40
C LEU H 16 -40.76 -19.18 23.74
N ALA H 17 -41.38 -18.04 24.09
CA ALA H 17 -42.02 -17.84 25.40
C ALA H 17 -43.12 -18.85 25.71
N ILE H 18 -43.89 -19.25 24.68
CA ILE H 18 -44.96 -20.26 24.84
C ILE H 18 -44.55 -21.70 24.41
N TYR H 19 -43.26 -21.94 24.16
CA TYR H 19 -42.76 -23.32 24.32
C TYR H 19 -41.87 -23.51 25.55
N PRO H 20 -40.77 -22.74 25.66
CA PRO H 20 -40.24 -22.66 27.04
C PRO H 20 -39.98 -21.23 27.57
N PRO H 21 -40.33 -20.95 28.86
CA PRO H 21 -39.86 -19.72 29.52
C PRO H 21 -38.32 -19.64 29.66
N CYS H 22 -37.69 -20.77 30.00
CA CYS H 22 -36.23 -20.96 29.87
C CYS H 22 -35.94 -22.44 29.54
N GLY H 23 -35.87 -22.75 28.24
CA GLY H 23 -35.53 -24.07 27.69
C GLY H 23 -36.24 -25.27 28.31
N ARG H 24 -35.64 -25.80 29.38
CA ARG H 24 -36.23 -26.83 30.25
C ARG H 24 -36.58 -28.16 29.56
N ARG H 25 -37.13 -29.09 30.35
CA ARG H 25 -37.70 -30.38 29.89
C ARG H 25 -36.69 -31.47 29.50
N LYS H 26 -37.09 -32.71 29.72
CA LYS H 26 -36.31 -33.89 29.32
C LYS H 26 -37.13 -34.71 28.33
N ILE H 27 -36.97 -34.37 27.05
CA ILE H 27 -37.46 -35.13 25.89
C ILE H 27 -38.84 -35.84 25.97
N ILE H 28 -39.83 -35.19 26.58
CA ILE H 28 -41.21 -35.75 26.61
C ILE H 28 -42.01 -35.26 25.37
N LEU H 29 -41.43 -35.49 24.19
CA LEU H 29 -42.01 -35.10 22.89
C LEU H 29 -42.64 -36.30 22.16
N SER H 30 -42.09 -37.50 22.35
CA SER H 30 -42.62 -38.75 21.76
C SER H 30 -43.36 -39.62 22.79
N ASP H 31 -44.66 -39.86 22.56
CA ASP H 31 -45.41 -40.96 23.21
C ASP H 31 -45.89 -42.01 22.19
N GLU H 32 -46.34 -41.55 21.01
CA GLU H 32 -46.60 -42.41 19.84
C GLU H 32 -45.48 -42.15 18.80
N GLY H 33 -45.78 -42.24 17.50
CA GLY H 33 -44.82 -41.91 16.44
C GLY H 33 -44.51 -40.44 16.23
N LYS H 34 -45.27 -39.54 16.86
CA LYS H 34 -45.00 -38.09 16.78
C LYS H 34 -43.71 -37.68 17.51
N MET H 35 -42.62 -37.60 16.75
CA MET H 35 -41.30 -37.19 17.26
C MET H 35 -41.04 -35.72 16.94
N TYR H 36 -41.32 -34.84 17.91
CA TYR H 36 -41.13 -33.38 17.75
C TYR H 36 -39.89 -32.86 18.45
N GLY H 37 -39.53 -31.62 18.12
CA GLY H 37 -38.43 -30.92 18.75
C GLY H 37 -38.73 -29.44 18.87
N ARG H 38 -38.05 -28.77 19.79
CA ARG H 38 -38.14 -27.31 19.95
C ARG H 38 -38.19 -26.52 18.63
N ASN H 39 -37.10 -26.56 17.84
CA ASN H 39 -36.99 -25.81 16.59
C ASN H 39 -38.17 -26.08 15.66
N GLU H 40 -38.42 -27.36 15.41
CA GLU H 40 -39.56 -27.81 14.57
C GLU H 40 -40.92 -27.31 15.08
N LEU H 41 -41.15 -27.41 16.38
CA LEU H 41 -42.34 -26.79 16.99
C LEU H 41 -42.37 -25.23 16.85
N ILE H 42 -41.19 -24.61 16.69
CA ILE H 42 -41.08 -23.15 16.47
C ILE H 42 -41.51 -22.89 15.02
N ALA H 43 -40.82 -23.53 14.10
CA ALA H 43 -41.14 -23.51 12.68
C ALA H 43 -42.63 -23.78 12.38
N ARG H 44 -43.21 -24.71 13.15
CA ARG H 44 -44.63 -25.03 13.08
C ARG H 44 -45.47 -23.80 13.44
N TYR H 45 -45.23 -23.27 14.64
CA TYR H 45 -45.93 -22.07 15.15
C TYR H 45 -45.76 -20.84 14.23
N ILE H 46 -44.58 -20.74 13.60
CA ILE H 46 -44.35 -19.72 12.56
C ILE H 46 -45.32 -19.93 11.41
N LYS H 47 -45.52 -21.18 11.00
CA LYS H 47 -46.52 -21.51 9.97
C LYS H 47 -47.92 -21.17 10.45
N LEU H 48 -48.28 -21.62 11.65
CA LEU H 48 -49.63 -21.39 12.20
C LEU H 48 -49.96 -19.89 12.40
N ARG H 49 -48.97 -19.07 12.76
CA ARG H 49 -49.19 -17.62 12.98
C ARG H 49 -48.93 -16.70 11.78
N THR H 50 -47.90 -17.00 10.97
CA THR H 50 -47.56 -16.18 9.78
C THR H 50 -48.07 -16.74 8.47
N GLY H 51 -48.15 -18.07 8.36
CA GLY H 51 -48.27 -18.74 7.06
C GLY H 51 -46.92 -18.96 6.37
N LYS H 52 -45.98 -18.02 6.56
CA LYS H 52 -44.59 -18.20 6.14
C LYS H 52 -44.02 -19.44 6.86
N THR H 53 -43.19 -20.21 6.12
CA THR H 53 -42.76 -21.58 6.50
C THR H 53 -41.51 -21.63 7.40
N ARG H 54 -40.33 -21.49 6.79
CA ARG H 54 -39.02 -21.52 7.49
C ARG H 54 -38.62 -22.84 8.25
N THR H 55 -37.62 -23.57 7.71
CA THR H 55 -37.19 -24.92 8.21
C THR H 55 -36.35 -24.92 9.49
N ARG H 56 -36.18 -26.10 10.10
CA ARG H 56 -35.52 -26.28 11.42
C ARG H 56 -34.08 -25.77 11.51
N LYS H 57 -33.36 -25.80 10.39
CA LYS H 57 -32.03 -25.18 10.30
C LYS H 57 -32.06 -23.64 10.33
N GLN H 58 -33.17 -23.06 9.92
CA GLN H 58 -33.30 -21.62 9.96
C GLN H 58 -33.46 -21.21 11.40
N VAL H 59 -34.35 -21.92 12.08
CA VAL H 59 -34.54 -21.79 13.56
C VAL H 59 -33.25 -22.09 14.33
N SER H 60 -32.53 -23.17 13.97
CA SER H 60 -31.15 -23.40 14.46
C SER H 60 -30.29 -22.15 14.28
N SER H 61 -30.10 -21.70 13.02
CA SER H 61 -29.14 -20.61 12.73
C SER H 61 -29.52 -19.36 13.51
N HIS H 62 -30.75 -18.90 13.28
CA HIS H 62 -31.27 -17.71 13.94
C HIS H 62 -30.95 -17.62 15.46
N ILE H 63 -31.34 -18.64 16.25
CA ILE H 63 -31.00 -18.72 17.69
C ILE H 63 -29.48 -18.51 17.94
N GLN H 64 -28.65 -19.19 17.14
CA GLN H 64 -27.20 -19.07 17.29
C GLN H 64 -26.78 -17.60 16.98
N VAL H 65 -27.36 -17.02 15.92
CA VAL H 65 -26.96 -15.66 15.54
C VAL H 65 -27.36 -14.70 16.64
N LEU H 66 -28.53 -14.96 17.24
CA LEU H 66 -29.00 -14.12 18.33
C LEU H 66 -28.10 -14.25 19.56
N ALA H 67 -27.88 -15.48 20.01
CA ALA H 67 -26.93 -15.73 21.10
C ALA H 67 -25.63 -14.93 20.93
N ARG H 68 -24.97 -15.09 19.78
CA ARG H 68 -23.77 -14.30 19.42
C ARG H 68 -23.94 -12.81 19.69
N ARG H 69 -25.08 -12.28 19.22
CA ARG H 69 -25.36 -10.86 19.33
C ARG H 69 -25.43 -10.49 20.78
N LYS H 70 -26.26 -11.24 21.51
CA LYS H 70 -26.44 -11.08 22.95
C LYS H 70 -25.06 -11.06 23.65
N ALA H 71 -24.29 -12.15 23.49
CA ALA H 71 -22.96 -12.30 24.09
C ALA H 71 -22.06 -11.10 23.73
N ARG H 72 -21.93 -10.77 22.45
CA ARG H 72 -21.23 -9.51 22.13
C ARG H 72 -22.22 -8.36 22.39
N GLU H 73 -22.38 -7.98 23.67
CA GLU H 73 -23.52 -7.16 24.12
C GLU H 73 -23.49 -5.78 23.50
#